data_7HB3
#
_entry.id   7HB3
#
_cell.length_a   69.542
_cell.length_b   90.082
_cell.length_c   98.717
_cell.angle_alpha   90.000
_cell.angle_beta   90.000
_cell.angle_gamma   90.000
#
_symmetry.space_group_name_H-M   'I 2 2 2'
#
loop_
_entity.id
_entity.type
_entity.pdbx_description
1 polymer 'Heat shock protein HSP 90-alpha'
2 non-polymer N-(3-chloro-4-fluorophenyl)thiourea
3 water water
#
_entity_poly.entity_id   1
_entity_poly.type   'polypeptide(L)'
_entity_poly.pdbx_seq_one_letter_code
;MDQPMEEEEVETFAFQAEIAQLMSLIINTFYSNKEIFLRELISNSSDALDKIRYESLTDPSKLDSGKELHINLIPNKQDR
TLTIVDTGIGMTKADLINNLGTIAKSGTKAFMEALQAGADISMIGQFGVGFYSAYLVAEKVTVITKHNDDEQYAWESSAG
GSFTVRTDTGEPMGRGTKVILHLKEDQTEYLEERRIKEIVKKHSQFIGYPITLFVEKERDKEVSDDEAELEHHHHHH
;
_entity_poly.pdbx_strand_id   A
#
loop_
_chem_comp.id
_chem_comp.type
_chem_comp.name
_chem_comp.formula
A1AYM non-polymer N-(3-chloro-4-fluorophenyl)thiourea 'C7 H6 Cl F N2 S'
#
# COMPACT_ATOMS: atom_id res chain seq x y z
N GLU A 9 -21.97 -7.41 3.06
CA GLU A 9 -21.52 -8.47 3.94
C GLU A 9 -20.03 -8.38 4.22
N VAL A 10 -19.69 -7.99 5.45
CA VAL A 10 -18.32 -7.71 5.86
C VAL A 10 -17.82 -8.84 6.75
N GLU A 11 -16.66 -9.39 6.41
CA GLU A 11 -15.99 -10.37 7.25
C GLU A 11 -14.85 -9.72 8.02
N THR A 12 -14.74 -10.05 9.29
CA THR A 12 -13.71 -9.49 10.16
C THR A 12 -12.71 -10.57 10.54
N PHE A 13 -11.44 -10.28 10.34
CA PHE A 13 -10.35 -11.21 10.59
C PHE A 13 -9.38 -10.59 11.59
N ALA A 14 -8.74 -11.43 12.39
CA ALA A 14 -7.65 -11.00 13.24
C ALA A 14 -6.33 -11.09 12.50
N PHE A 15 -5.52 -10.05 12.62
CA PHE A 15 -4.15 -10.11 12.14
C PHE A 15 -3.42 -11.25 12.80
N GLN A 16 -2.42 -11.79 12.10
CA GLN A 16 -1.50 -12.70 12.76
C GLN A 16 -0.73 -11.96 13.85
N ALA A 17 -0.39 -12.70 14.91
CA ALA A 17 0.20 -12.08 16.09
C ALA A 17 1.41 -11.22 15.75
N GLU A 18 2.29 -11.71 14.89
CA GLU A 18 3.50 -10.96 14.57
C GLU A 18 3.18 -9.68 13.81
N ILE A 19 2.20 -9.74 12.90
CA ILE A 19 1.85 -8.57 12.11
C ILE A 19 1.19 -7.52 13.00
N ALA A 20 0.30 -7.93 13.90
CA ALA A 20 -0.32 -6.98 14.82
C ALA A 20 0.73 -6.35 15.72
N GLN A 21 1.73 -7.12 16.12
CA GLN A 21 2.83 -6.61 16.92
C GLN A 21 3.62 -5.54 16.17
N LEU A 22 3.82 -5.74 14.86
CA LEU A 22 4.57 -4.76 14.07
C LEU A 22 3.78 -3.47 13.90
N MET A 23 2.46 -3.59 13.71
CA MET A 23 1.65 -2.40 13.50
C MET A 23 1.62 -1.55 14.75
N SER A 24 1.54 -2.18 15.92
CA SER A 24 1.57 -1.43 17.17
C SER A 24 2.91 -0.74 17.37
N LEU A 25 4.01 -1.41 17.00
CA LEU A 25 5.32 -0.76 17.07
C LEU A 25 5.41 0.42 16.10
N ILE A 26 4.85 0.27 14.91
CA ILE A 26 4.88 1.36 13.92
C ILE A 26 4.03 2.54 14.37
N ILE A 27 2.93 2.28 15.07
CA ILE A 27 2.05 3.35 15.50
C ILE A 27 2.59 4.06 16.75
N ASN A 28 3.17 3.31 17.69
CA ASN A 28 3.48 3.86 19.00
C ASN A 28 4.93 4.32 19.17
N THR A 29 5.82 3.98 18.24
CA THR A 29 7.22 4.36 18.38
C THR A 29 7.44 5.76 17.84
N PHE A 30 8.12 6.60 18.62
CA PHE A 30 8.47 7.93 18.18
C PHE A 30 9.50 7.84 17.06
N TYR A 31 9.15 8.34 15.89
CA TYR A 31 10.03 8.26 14.73
C TYR A 31 9.62 9.37 13.77
N SER A 32 10.52 10.30 13.52
CA SER A 32 10.13 11.54 12.82
C SER A 32 10.18 11.40 11.31
N ASN A 33 10.99 10.47 10.79
CA ASN A 33 11.22 10.33 9.35
C ASN A 33 10.11 9.51 8.69
N LYS A 34 8.88 10.03 8.79
CA LYS A 34 7.71 9.28 8.33
C LYS A 34 7.57 9.24 6.81
N GLU A 35 8.23 10.15 6.09
CA GLU A 35 8.05 10.25 4.64
C GLU A 35 8.38 8.97 3.89
N ILE A 36 9.13 8.04 4.50
CA ILE A 36 9.51 6.82 3.80
C ILE A 36 8.30 5.95 3.47
N PHE A 37 7.14 6.21 4.08
CA PHE A 37 5.94 5.44 3.77
C PHE A 37 5.61 5.51 2.28
N LEU A 38 5.84 6.68 1.67
CA LEU A 38 5.50 6.85 0.26
C LEU A 38 6.43 6.04 -0.63
N ARG A 39 7.74 6.08 -0.35
CA ARG A 39 8.67 5.24 -1.07
C ARG A 39 8.24 3.78 -1.04
N GLU A 40 7.80 3.29 0.12
CA GLU A 40 7.45 1.87 0.24
C GLU A 40 6.20 1.54 -0.54
N LEU A 41 5.18 2.41 -0.47
CA LEU A 41 3.94 2.14 -1.20
C LEU A 41 4.15 2.24 -2.71
N ILE A 42 4.92 3.24 -3.15
CA ILE A 42 5.23 3.38 -4.57
C ILE A 42 6.03 2.19 -5.06
N SER A 43 6.99 1.75 -4.24
CA SER A 43 7.78 0.56 -4.59
C SER A 43 6.89 -0.68 -4.70
N ASN A 44 5.88 -0.79 -3.81
CA ASN A 44 4.94 -1.90 -3.91
C ASN A 44 4.10 -1.83 -5.18
N SER A 45 3.71 -0.62 -5.58
CA SER A 45 2.98 -0.44 -6.83
C SER A 45 3.85 -0.81 -8.02
N SER A 46 5.14 -0.49 -7.97
CA SER A 46 6.06 -0.82 -9.05
C SER A 46 6.21 -2.33 -9.19
N ASP A 47 6.29 -3.06 -8.06
CA ASP A 47 6.36 -4.53 -8.14
C ASP A 47 5.11 -5.10 -8.80
N ALA A 48 3.93 -4.61 -8.40
CA ALA A 48 2.67 -5.12 -8.98
C ALA A 48 2.57 -4.84 -10.47
N LEU A 49 3.14 -3.72 -10.93
CA LEU A 49 3.14 -3.44 -12.35
C LEU A 49 4.12 -4.33 -13.10
N ASP A 50 5.31 -4.58 -12.51
CA ASP A 50 6.25 -5.52 -13.10
C ASP A 50 5.60 -6.88 -13.33
N LYS A 51 4.76 -7.30 -12.39
CA LYS A 51 4.18 -8.64 -12.45
C LYS A 51 3.19 -8.77 -13.61
N ILE A 52 2.25 -7.82 -13.73
CA ILE A 52 1.30 -7.89 -14.83
C ILE A 52 2.00 -7.67 -16.16
N ARG A 53 3.05 -6.83 -16.16
CA ARG A 53 3.81 -6.61 -17.38
C ARG A 53 4.49 -7.89 -17.85
N TYR A 54 5.12 -8.62 -16.93
CA TYR A 54 5.83 -9.83 -17.31
C TYR A 54 4.87 -10.93 -17.75
N GLU A 55 3.71 -11.03 -17.10
CA GLU A 55 2.71 -12.02 -17.50
C GLU A 55 2.17 -11.74 -18.89
N SER A 56 2.01 -10.46 -19.24
CA SER A 56 1.46 -10.10 -20.53
C SER A 56 2.39 -10.42 -21.69
N LEU A 57 3.67 -10.71 -21.42
CA LEU A 57 4.59 -11.05 -22.51
C LEU A 57 4.23 -12.40 -23.13
N THR A 58 3.82 -13.36 -22.32
CA THR A 58 3.42 -14.67 -22.83
C THR A 58 1.91 -14.81 -22.99
N ASP A 59 1.13 -13.86 -22.48
CA ASP A 59 -0.33 -13.91 -22.57
C ASP A 59 -0.84 -12.48 -22.70
N PRO A 60 -0.95 -11.95 -23.92
CA PRO A 60 -1.36 -10.56 -24.09
C PRO A 60 -2.76 -10.26 -23.61
N SER A 61 -3.64 -11.26 -23.53
CA SER A 61 -5.00 -11.03 -23.05
C SER A 61 -5.05 -10.58 -21.58
N LYS A 62 -3.96 -10.77 -20.83
CA LYS A 62 -3.97 -10.29 -19.44
C LYS A 62 -4.05 -8.77 -19.34
N LEU A 63 -3.91 -8.05 -20.44
CA LEU A 63 -4.04 -6.60 -20.46
C LEU A 63 -5.39 -6.14 -21.01
N ASP A 64 -6.31 -7.06 -21.31
CA ASP A 64 -7.64 -6.68 -21.74
C ASP A 64 -8.36 -5.85 -20.68
N SER A 65 -7.99 -6.03 -19.41
CA SER A 65 -8.53 -5.24 -18.32
C SER A 65 -7.84 -3.89 -18.16
N GLY A 66 -7.06 -3.46 -19.15
CA GLY A 66 -6.37 -2.19 -19.07
C GLY A 66 -4.94 -2.25 -19.56
N LYS A 67 -4.63 -1.46 -20.59
CA LYS A 67 -3.31 -1.48 -21.21
C LYS A 67 -2.30 -0.57 -20.51
N GLU A 68 -2.75 0.48 -19.83
CA GLU A 68 -1.84 1.46 -19.26
C GLU A 68 -1.27 0.96 -17.94
N LEU A 69 0.05 1.10 -17.78
CA LEU A 69 0.76 0.73 -16.55
C LEU A 69 1.33 2.02 -15.95
N HIS A 70 0.71 2.51 -14.88
CA HIS A 70 1.05 3.81 -14.32
C HIS A 70 0.70 3.83 -12.84
N ILE A 71 1.16 4.89 -12.16
CA ILE A 71 0.94 5.12 -10.74
C ILE A 71 0.42 6.55 -10.57
N ASN A 72 -0.73 6.69 -9.92
CA ASN A 72 -1.32 8.00 -9.66
C ASN A 72 -1.32 8.28 -8.17
N LEU A 73 -0.88 9.49 -7.80
CA LEU A 73 -0.97 9.97 -6.43
C LEU A 73 -2.04 11.05 -6.37
N ILE A 74 -3.00 10.89 -5.47
CA ILE A 74 -4.18 11.75 -5.42
C ILE A 74 -4.38 12.25 -4.00
N PRO A 75 -3.83 13.41 -3.64
CA PRO A 75 -4.14 14.01 -2.35
C PRO A 75 -5.52 14.64 -2.34
N ASN A 76 -6.20 14.54 -1.19
CA ASN A 76 -7.51 15.16 -1.00
C ASN A 76 -7.52 15.85 0.36
N LYS A 77 -7.44 17.19 0.35
CA LYS A 77 -7.35 17.93 1.60
C LYS A 77 -8.68 17.98 2.35
N GLN A 78 -9.81 17.89 1.66
CA GLN A 78 -11.11 17.97 2.35
C GLN A 78 -11.40 16.68 3.09
N ASP A 79 -11.11 15.53 2.49
CA ASP A 79 -11.26 14.24 3.17
C ASP A 79 -10.04 13.87 4.00
N ARG A 80 -8.96 14.63 3.91
CA ARG A 80 -7.69 14.29 4.54
C ARG A 80 -7.25 12.87 4.19
N THR A 81 -7.28 12.56 2.89
CA THR A 81 -6.83 11.27 2.39
C THR A 81 -5.78 11.45 1.31
N LEU A 82 -4.85 10.50 1.26
CA LEU A 82 -3.91 10.36 0.17
C LEU A 82 -4.13 9.00 -0.48
N THR A 83 -4.32 8.99 -1.80
CA THR A 83 -4.61 7.77 -2.53
C THR A 83 -3.47 7.48 -3.50
N ILE A 84 -2.97 6.25 -3.47
CA ILE A 84 -1.98 5.74 -4.42
C ILE A 84 -2.69 4.70 -5.28
N VAL A 85 -2.82 4.98 -6.58
CA VAL A 85 -3.47 4.08 -7.54
C VAL A 85 -2.41 3.52 -8.48
N ASP A 86 -2.40 2.19 -8.63
CA ASP A 86 -1.62 1.54 -9.67
C ASP A 86 -2.51 0.59 -10.45
N THR A 87 -2.13 0.35 -11.71
CA THR A 87 -2.82 -0.62 -12.57
C THR A 87 -2.04 -1.92 -12.66
N GLY A 88 -1.51 -2.38 -11.53
CA GLY A 88 -0.72 -3.59 -11.47
C GLY A 88 -1.59 -4.84 -11.52
N ILE A 89 -0.99 -5.95 -11.14
CA ILE A 89 -1.67 -7.24 -11.22
C ILE A 89 -2.86 -7.31 -10.28
N GLY A 90 -2.89 -6.51 -9.22
CA GLY A 90 -3.98 -6.56 -8.26
C GLY A 90 -3.83 -7.72 -7.30
N MET A 91 -4.83 -7.88 -6.44
CA MET A 91 -4.81 -8.90 -5.40
C MET A 91 -6.12 -9.66 -5.38
N THR A 92 -6.04 -10.98 -5.22
CA THR A 92 -7.21 -11.82 -5.06
C THR A 92 -7.71 -11.78 -3.60
N LYS A 93 -8.86 -12.39 -3.38
CA LYS A 93 -9.37 -12.51 -2.02
C LYS A 93 -8.46 -13.36 -1.15
N ALA A 94 -7.93 -14.45 -1.71
CA ALA A 94 -7.01 -15.29 -0.95
C ALA A 94 -5.75 -14.51 -0.55
N ASP A 95 -5.26 -13.62 -1.42
CA ASP A 95 -4.12 -12.78 -1.05
C ASP A 95 -4.46 -11.89 0.15
N LEU A 96 -5.61 -11.22 0.11
CA LEU A 96 -5.99 -10.28 1.15
C LEU A 96 -6.18 -10.95 2.50
N ILE A 97 -6.60 -12.21 2.52
CA ILE A 97 -6.93 -12.90 3.75
C ILE A 97 -5.78 -13.81 4.21
N ASN A 98 -5.16 -14.55 3.30
CA ASN A 98 -4.25 -15.63 3.68
C ASN A 98 -2.82 -15.41 3.19
N ASN A 99 -2.62 -15.33 1.87
CA ASN A 99 -1.27 -15.48 1.32
C ASN A 99 -0.35 -14.36 1.76
N LEU A 100 -0.82 -13.11 1.68
CA LEU A 100 0.04 -11.97 2.02
C LEU A 100 0.38 -11.97 3.51
N GLY A 101 -0.57 -12.33 4.36
CA GLY A 101 -0.28 -12.42 5.79
C GLY A 101 0.66 -13.57 6.12
N THR A 102 0.60 -14.66 5.35
CA THR A 102 1.54 -15.76 5.56
C THR A 102 2.96 -15.35 5.17
N ILE A 103 3.12 -14.69 4.03
CA ILE A 103 4.44 -14.24 3.60
C ILE A 103 5.00 -13.22 4.59
N ALA A 104 4.15 -12.31 5.06
CA ALA A 104 4.62 -11.25 5.95
C ALA A 104 4.90 -11.74 7.36
N LYS A 105 4.45 -12.95 7.71
CA LYS A 105 4.71 -13.51 9.03
C LYS A 105 6.20 -13.59 9.31
N SER A 106 6.98 -14.07 8.33
CA SER A 106 8.41 -14.24 8.54
C SER A 106 9.18 -12.94 8.38
N GLY A 107 8.77 -12.11 7.42
CA GLY A 107 9.41 -10.81 7.26
C GLY A 107 9.22 -9.92 8.46
N THR A 108 8.04 -9.95 9.08
CA THR A 108 7.82 -9.20 10.31
C THR A 108 8.72 -9.69 11.42
N LYS A 109 8.82 -11.01 11.59
CA LYS A 109 9.68 -11.57 12.64
C LYS A 109 11.14 -11.15 12.44
N ALA A 110 11.63 -11.23 11.20
CA ALA A 110 13.01 -10.85 10.93
C ALA A 110 13.22 -9.36 11.16
N PHE A 111 12.27 -8.53 10.69
CA PHE A 111 12.38 -7.09 10.87
C PHE A 111 12.40 -6.70 12.34
N MET A 112 11.69 -7.44 13.18
CA MET A 112 11.68 -7.14 14.61
C MET A 112 13.00 -7.51 15.27
N GLU A 113 13.59 -8.64 14.88
CA GLU A 113 14.91 -8.98 15.40
C GLU A 113 15.93 -7.91 15.03
N ALA A 114 15.88 -7.43 13.77
CA ALA A 114 16.83 -6.42 13.32
C ALA A 114 16.66 -5.13 14.08
N LEU A 115 15.41 -4.76 14.41
CA LEU A 115 15.17 -3.49 15.10
C LEU A 115 15.81 -3.46 16.49
N GLN A 116 16.18 -4.62 17.03
CA GLN A 116 16.91 -4.68 18.30
C GLN A 116 18.41 -4.88 18.12
N ALA A 117 18.87 -5.16 16.90
CA ALA A 117 20.29 -5.26 16.60
C ALA A 117 20.86 -3.95 16.07
N GLY A 118 20.11 -2.86 16.15
CA GLY A 118 20.55 -1.56 15.72
C GLY A 118 19.80 -0.98 14.54
N ALA A 119 19.09 -1.81 13.78
CA ALA A 119 18.39 -1.34 12.60
C ALA A 119 17.30 -0.33 12.98
N ASP A 120 16.94 0.52 12.03
CA ASP A 120 15.87 1.49 12.24
C ASP A 120 14.73 1.21 11.27
N ILE A 121 13.62 1.92 11.48
CA ILE A 121 12.35 1.62 10.83
C ILE A 121 12.45 1.79 9.32
N SER A 122 13.34 2.68 8.86
CA SER A 122 13.45 2.98 7.44
C SER A 122 13.89 1.79 6.60
N MET A 123 14.44 0.74 7.21
CA MET A 123 14.88 -0.44 6.49
C MET A 123 13.76 -1.46 6.27
N ILE A 124 12.51 -1.07 6.51
CA ILE A 124 11.42 -2.04 6.56
C ILE A 124 11.22 -2.74 5.22
N GLY A 125 11.48 -2.04 4.12
CA GLY A 125 11.32 -2.64 2.79
C GLY A 125 12.25 -3.80 2.52
N GLN A 126 13.40 -3.86 3.18
CA GLN A 126 14.31 -4.99 2.99
C GLN A 126 13.74 -6.29 3.52
N PHE A 127 12.60 -6.26 4.22
CA PHE A 127 11.97 -7.45 4.76
C PHE A 127 10.62 -7.72 4.12
N GLY A 128 10.29 -7.01 3.03
CA GLY A 128 9.06 -7.25 2.31
C GLY A 128 7.79 -6.85 3.01
N VAL A 129 7.88 -6.05 4.08
CA VAL A 129 6.69 -5.68 4.84
C VAL A 129 6.53 -4.16 4.85
N GLY A 130 7.03 -3.50 3.80
CA GLY A 130 6.95 -2.06 3.72
C GLY A 130 5.54 -1.49 3.75
N PHE A 131 4.54 -2.29 3.35
CA PHE A 131 3.16 -1.79 3.27
C PHE A 131 2.69 -1.23 4.60
N TYR A 132 3.09 -1.85 5.71
CA TYR A 132 2.60 -1.43 7.03
C TYR A 132 3.20 -0.12 7.49
N SER A 133 4.24 0.41 6.83
CA SER A 133 4.71 1.75 7.13
C SER A 133 3.64 2.81 6.84
N ALA A 134 2.57 2.44 6.15
CA ALA A 134 1.44 3.34 5.95
C ALA A 134 0.88 3.83 7.29
N TYR A 135 0.95 3.00 8.33
CA TYR A 135 0.46 3.38 9.65
C TYR A 135 1.40 4.34 10.37
N LEU A 136 2.47 4.79 9.71
CA LEU A 136 3.24 5.91 10.24
C LEU A 136 2.46 7.21 10.13
N VAL A 137 1.66 7.36 9.06
CA VAL A 137 0.93 8.59 8.80
C VAL A 137 -0.57 8.41 8.78
N ALA A 138 -1.08 7.18 8.75
CA ALA A 138 -2.50 6.92 8.58
C ALA A 138 -3.08 6.29 9.84
N GLU A 139 -4.26 6.77 10.22
CA GLU A 139 -5.04 6.09 11.26
C GLU A 139 -5.92 4.98 10.70
N LYS A 140 -6.19 5.01 9.40
CA LYS A 140 -6.99 3.97 8.75
C LYS A 140 -6.52 3.84 7.32
N VAL A 141 -6.43 2.59 6.84
CA VAL A 141 -5.99 2.28 5.50
C VAL A 141 -7.07 1.47 4.81
N THR A 142 -7.48 1.90 3.62
CA THR A 142 -8.43 1.19 2.79
C THR A 142 -7.74 0.77 1.50
N VAL A 143 -7.91 -0.49 1.11
CA VAL A 143 -7.31 -1.02 -0.11
C VAL A 143 -8.44 -1.55 -1.00
N ILE A 144 -8.61 -0.91 -2.16
CA ILE A 144 -9.51 -1.40 -3.20
C ILE A 144 -8.66 -2.06 -4.27
N THR A 145 -8.96 -3.32 -4.58
CA THR A 145 -8.09 -4.09 -5.45
C THR A 145 -8.90 -4.97 -6.39
N LYS A 146 -8.37 -5.16 -7.59
CA LYS A 146 -9.01 -5.98 -8.63
C LYS A 146 -7.94 -6.80 -9.34
N HIS A 147 -8.08 -8.11 -9.26
CA HIS A 147 -7.22 -9.07 -9.95
C HIS A 147 -8.00 -9.68 -11.10
N ASN A 148 -7.28 -10.02 -12.19
CA ASN A 148 -7.94 -10.55 -13.39
C ASN A 148 -8.76 -11.81 -13.11
N ASP A 149 -8.45 -12.54 -12.03
CA ASP A 149 -9.04 -13.83 -11.75
C ASP A 149 -10.07 -13.79 -10.62
N ASP A 150 -10.50 -12.61 -10.20
CA ASP A 150 -11.37 -12.51 -9.03
C ASP A 150 -12.21 -11.24 -9.13
N GLU A 151 -13.13 -11.09 -8.19
CA GLU A 151 -13.96 -9.91 -8.12
C GLU A 151 -13.20 -8.76 -7.46
N GLN A 152 -13.80 -7.58 -7.50
CA GLN A 152 -13.23 -6.40 -6.85
C GLN A 152 -13.49 -6.46 -5.35
N TYR A 153 -12.45 -6.23 -4.54
CA TYR A 153 -12.54 -6.40 -3.10
C TYR A 153 -12.05 -5.14 -2.38
N ALA A 154 -12.56 -4.97 -1.16
CA ALA A 154 -12.18 -3.85 -0.30
C ALA A 154 -11.64 -4.40 1.01
N TRP A 155 -10.36 -4.13 1.26
CA TRP A 155 -9.68 -4.45 2.50
C TRP A 155 -9.52 -3.16 3.31
N GLU A 156 -9.67 -3.27 4.63
CA GLU A 156 -9.63 -2.10 5.50
C GLU A 156 -9.16 -2.50 6.90
N SER A 157 -8.40 -1.60 7.53
CA SER A 157 -7.95 -1.83 8.90
C SER A 157 -7.55 -0.51 9.53
N SER A 158 -7.97 -0.31 10.78
CA SER A 158 -7.48 0.78 11.63
C SER A 158 -6.53 0.27 12.71
N ALA A 159 -5.81 -0.80 12.42
CA ALA A 159 -4.96 -1.52 13.39
C ALA A 159 -5.86 -2.04 14.51
N GLY A 160 -5.36 -2.09 15.74
CA GLY A 160 -6.14 -2.70 16.80
C GLY A 160 -6.27 -4.21 16.72
N GLY A 161 -5.55 -4.85 15.79
CA GLY A 161 -5.50 -6.30 15.72
C GLY A 161 -6.48 -6.95 14.75
N SER A 162 -7.31 -6.18 14.05
CA SER A 162 -8.28 -6.78 13.13
C SER A 162 -8.31 -6.00 11.83
N PHE A 163 -8.83 -6.67 10.79
CA PHE A 163 -9.08 -6.05 9.49
C PHE A 163 -10.34 -6.67 8.90
N THR A 164 -10.92 -5.98 7.91
CA THR A 164 -12.15 -6.42 7.27
C THR A 164 -11.94 -6.59 5.76
N VAL A 165 -12.69 -7.54 5.19
CA VAL A 165 -12.70 -7.75 3.75
C VAL A 165 -14.16 -7.86 3.30
N ARG A 166 -14.49 -7.16 2.23
CA ARG A 166 -15.82 -7.23 1.64
C ARG A 166 -15.69 -7.02 0.14
N THR A 167 -16.67 -7.54 -0.59
CA THR A 167 -16.77 -7.20 -2.01
C THR A 167 -17.08 -5.72 -2.14
N ASP A 168 -16.37 -5.04 -3.04
CA ASP A 168 -16.54 -3.62 -3.22
C ASP A 168 -17.62 -3.34 -4.26
N THR A 169 -18.61 -2.54 -3.86
CA THR A 169 -19.73 -2.18 -4.72
C THR A 169 -19.54 -0.85 -5.44
N GLY A 170 -18.42 -0.15 -5.20
CA GLY A 170 -18.19 1.16 -5.76
C GLY A 170 -17.82 1.15 -7.24
N GLU A 171 -17.00 2.12 -7.62
CA GLU A 171 -16.61 2.27 -9.02
C GLU A 171 -15.66 1.16 -9.43
N PRO A 172 -15.91 0.45 -10.53
CA PRO A 172 -14.99 -0.61 -10.96
C PRO A 172 -13.68 -0.01 -11.47
N MET A 173 -12.57 -0.64 -11.11
CA MET A 173 -11.25 -0.16 -11.52
C MET A 173 -10.66 -0.91 -12.70
N GLY A 174 -11.30 -1.99 -13.15
CA GLY A 174 -10.74 -2.76 -14.25
C GLY A 174 -9.66 -3.73 -13.83
N ARG A 175 -8.56 -3.20 -13.30
CA ARG A 175 -7.46 -4.00 -12.77
C ARG A 175 -6.50 -3.11 -12.00
N GLY A 176 -6.11 -3.53 -10.81
CA GLY A 176 -5.08 -2.82 -10.08
C GLY A 176 -5.42 -2.73 -8.61
N THR A 177 -4.77 -1.78 -7.95
CA THR A 177 -4.87 -1.63 -6.51
C THR A 177 -4.94 -0.15 -6.17
N LYS A 178 -5.88 0.20 -5.30
CA LYS A 178 -6.05 1.56 -4.80
C LYS A 178 -5.80 1.54 -3.30
N VAL A 179 -4.77 2.25 -2.84
CA VAL A 179 -4.47 2.36 -1.42
C VAL A 179 -4.88 3.74 -0.95
N ILE A 180 -5.85 3.80 -0.04
CA ILE A 180 -6.40 5.05 0.47
C ILE A 180 -5.93 5.22 1.91
N LEU A 181 -5.13 6.26 2.15
CA LEU A 181 -4.57 6.55 3.47
C LEU A 181 -5.38 7.67 4.12
N HIS A 182 -6.13 7.33 5.17
CA HIS A 182 -6.82 8.34 5.98
C HIS A 182 -5.83 8.87 7.01
N LEU A 183 -5.30 10.05 6.77
CA LEU A 183 -4.14 10.54 7.51
C LEU A 183 -4.51 10.99 8.91
N LYS A 184 -3.53 10.89 9.82
CA LYS A 184 -3.66 11.48 11.14
C LYS A 184 -3.71 13.00 11.03
N GLU A 185 -4.28 13.63 12.06
CA GLU A 185 -4.47 15.08 12.05
C GLU A 185 -3.14 15.81 11.86
N ASP A 186 -2.06 15.29 12.42
CA ASP A 186 -0.78 16.00 12.41
C ASP A 186 0.11 15.63 11.22
N GLN A 187 -0.41 14.84 10.27
CA GLN A 187 0.37 14.41 9.12
C GLN A 187 -0.19 14.96 7.80
N THR A 188 -0.82 16.13 7.85
CA THR A 188 -1.41 16.70 6.64
C THR A 188 -0.38 17.31 5.70
N GLU A 189 0.90 17.35 6.09
CA GLU A 189 1.93 17.86 5.19
C GLU A 189 2.08 17.00 3.95
N TYR A 190 1.68 15.73 4.02
CA TYR A 190 1.74 14.84 2.88
C TYR A 190 0.54 14.99 1.95
N LEU A 191 -0.27 16.00 2.17
CA LEU A 191 -1.29 16.40 1.21
C LEU A 191 -0.86 17.60 0.40
N GLU A 192 0.29 18.20 0.69
CA GLU A 192 0.75 19.38 -0.03
C GLU A 192 1.54 19.00 -1.26
N GLU A 193 1.29 19.72 -2.36
CA GLU A 193 1.86 19.36 -3.65
C GLU A 193 3.39 19.38 -3.62
N ARG A 194 3.98 20.44 -3.06
CA ARG A 194 5.44 20.54 -3.09
C ARG A 194 6.10 19.54 -2.15
N ARG A 195 5.39 19.09 -1.11
CA ARG A 195 5.97 18.08 -0.22
C ARG A 195 6.01 16.71 -0.88
N ILE A 196 4.92 16.33 -1.56
CA ILE A 196 4.88 15.05 -2.26
C ILE A 196 5.93 15.02 -3.37
N LYS A 197 6.09 16.13 -4.09
CA LYS A 197 7.07 16.16 -5.18
C LYS A 197 8.48 15.95 -4.64
N GLU A 198 8.80 16.60 -3.51
CA GLU A 198 10.12 16.45 -2.91
C GLU A 198 10.38 15.01 -2.48
N ILE A 199 9.36 14.32 -1.97
CA ILE A 199 9.53 12.94 -1.52
C ILE A 199 9.71 12.01 -2.70
N VAL A 200 8.92 12.20 -3.76
CA VAL A 200 9.00 11.33 -4.93
C VAL A 200 10.35 11.48 -5.61
N LYS A 201 10.80 12.72 -5.82
CA LYS A 201 12.10 12.95 -6.43
C LYS A 201 13.22 12.36 -5.58
N LYS A 202 13.08 12.41 -4.25
CA LYS A 202 14.16 11.93 -3.38
C LYS A 202 14.24 10.41 -3.34
N HIS A 203 13.10 9.71 -3.27
CA HIS A 203 13.10 8.29 -3.01
C HIS A 203 12.64 7.43 -4.18
N SER A 204 11.91 7.98 -5.15
CA SER A 204 11.30 7.19 -6.21
C SER A 204 11.66 7.73 -7.58
N GLN A 205 12.79 8.43 -7.69
CA GLN A 205 13.15 9.05 -8.97
C GLN A 205 13.29 8.02 -10.08
N PHE A 206 13.75 6.81 -9.75
CA PHE A 206 14.12 5.82 -10.76
C PHE A 206 13.08 4.72 -10.95
N ILE A 207 11.88 4.89 -10.39
CA ILE A 207 10.79 3.96 -10.67
C ILE A 207 10.50 3.96 -12.17
N GLY A 208 10.38 2.76 -12.75
CA GLY A 208 10.25 2.63 -14.20
C GLY A 208 8.85 2.69 -14.75
N TYR A 209 7.96 3.43 -14.08
CA TYR A 209 6.61 3.68 -14.56
C TYR A 209 6.27 5.14 -14.33
N PRO A 210 5.41 5.72 -15.16
CA PRO A 210 5.06 7.13 -14.97
C PRO A 210 4.26 7.33 -13.69
N ILE A 211 4.68 8.31 -12.89
CA ILE A 211 4.00 8.70 -11.65
C ILE A 211 3.39 10.08 -11.86
N THR A 212 2.07 10.17 -11.75
CA THR A 212 1.35 11.42 -11.95
C THR A 212 0.78 11.90 -10.63
N LEU A 213 1.10 13.14 -10.26
CA LEU A 213 0.59 13.76 -9.05
C LEU A 213 -0.59 14.65 -9.41
N PHE A 214 -1.80 14.20 -9.05
CA PHE A 214 -3.01 14.97 -9.32
C PHE A 214 -3.04 16.20 -8.41
N VAL A 215 -3.13 17.38 -9.00
CA VAL A 215 -3.26 18.62 -8.24
C VAL A 215 -4.74 18.89 -7.99
N GLU A 216 -5.07 19.43 -6.83
CA GLU A 216 -6.47 19.68 -6.50
C GLU A 216 -6.96 20.99 -7.11
N LYS A 217 -8.29 21.15 -7.09
CA LYS A 217 -8.94 22.32 -7.65
C LYS A 217 -9.62 23.14 -6.54
C1 A1AYM B . 2.31 -6.62 2.47
C2 A1AYM B . -0.26 -6.46 2.38
C3 A1AYM B . -0.66 -7.49 3.24
C4 A1AYM B . -2.01 -7.73 3.49
C5 A1AYM B . -2.94 -6.93 2.90
C6 A1AYM B . -2.58 -5.91 2.05
C7 A1AYM B . -1.23 -5.67 1.79
F1 A1AYM B . -4.25 -7.15 3.14
N1 A1AYM B . 3.38 -6.03 1.97
N2 A1AYM B . 1.10 -6.17 2.08
S1 A1AYM B . 2.47 -7.90 3.59
CL1 A1AYM B . -3.80 -4.92 1.33
#